data_5ETN
#
_entry.id   5ETN
#
_cell.length_a   35.880
_cell.length_b   57.890
_cell.length_c   38.610
_cell.angle_alpha   90.00
_cell.angle_beta   115.12
_cell.angle_gamma   90.00
#
_symmetry.space_group_name_H-M   'P 1 21 1'
#
loop_
_entity.id
_entity.type
_entity.pdbx_description
1 polymer '2-amino-4-hydroxy-6-hydroxymethyldihydropteridine pyrophosphokinase'
2 non-polymer 'CALCIUM ION'
3 non-polymer "ADENOSINE-5'-TRIPHOSPHATE"
4 non-polymer 2-azanyl-8-[(4-chlorophenyl)methylsulfanyl]-1,9-dihydropurin-6-one
5 non-polymer 'SODIUM ION'
6 water water
#
_entity_poly.entity_id   1
_entity_poly.type   'polypeptide(L)'
_entity_poly.pdbx_seq_one_letter_code
;GSAMTVAYIAIGSNLASPLEQVNAALKALGDIPESHILTVSSFYRTPPLGPQDQPDYLNAAVALETSLAPEELLNHTQRI
ELQQGRVRKAERWGPRTLDLDIMLFGNEVINTERLTVPHYDMKNRGFMLWPLFEIAPELVFPDGEMLRQILHTRAFDKLN
KW
;
_entity_poly.pdbx_strand_id   A
#
# COMPACT_ATOMS: atom_id res chain seq x y z
N MET A 4 3.18 11.33 16.84
CA MET A 4 2.65 10.31 15.93
C MET A 4 2.43 10.92 14.56
N THR A 5 2.30 10.07 13.57
CA THR A 5 2.01 10.42 12.20
C THR A 5 1.16 9.28 11.65
N VAL A 6 0.24 9.55 10.74
CA VAL A 6 -0.44 8.53 10.02
C VAL A 6 0.22 8.19 8.66
N ALA A 7 0.61 6.92 8.54
CA ALA A 7 1.18 6.41 7.31
C ALA A 7 0.07 5.65 6.64
N TYR A 8 0.13 5.63 5.35
CA TYR A 8 -0.83 4.90 4.50
C TYR A 8 -0.06 3.91 3.66
N ILE A 9 -0.44 2.65 3.83
CA ILE A 9 0.28 1.50 3.22
C ILE A 9 -0.69 0.84 2.21
N ALA A 10 -0.19 0.61 1.01
CA ALA A 10 -0.91 -0.15 -0.03
C ALA A 10 -0.45 -1.58 0.10
N ILE A 11 -1.43 -2.46 0.01
CA ILE A 11 -1.32 -3.89 0.15
C ILE A 11 -1.65 -4.52 -1.17
N GLY A 12 -0.79 -5.41 -1.71
CA GLY A 12 -1.16 -6.21 -2.86
C GLY A 12 -0.60 -7.66 -2.67
N SER A 13 -1.40 -8.62 -3.20
CA SER A 13 -0.97 -10.02 -3.33
C SER A 13 -1.66 -10.65 -4.49
N ASN A 14 -0.91 -11.38 -5.33
CA ASN A 14 -1.50 -12.26 -6.31
C ASN A 14 -0.97 -13.67 -6.37
N LEU A 15 -0.39 -14.14 -5.31
CA LEU A 15 0.16 -15.55 -5.28
C LEU A 15 -0.11 -16.17 -3.92
N ALA A 16 -0.22 -17.50 -3.92
CA ALA A 16 -0.18 -18.28 -2.69
C ALA A 16 -1.36 -17.91 -1.74
N SER A 17 -2.52 -17.80 -2.36
N SER A 17 -2.54 -17.80 -2.35
CA SER A 17 -3.75 -17.44 -1.63
CA SER A 17 -3.78 -17.43 -1.62
C SER A 17 -3.80 -16.02 -1.07
C SER A 17 -3.82 -16.01 -1.07
N PRO A 18 -4.05 -15.05 -1.95
CA PRO A 18 -4.02 -13.66 -1.56
C PRO A 18 -4.78 -13.35 -0.33
N LEU A 19 -5.96 -13.92 -0.13
CA LEU A 19 -6.77 -13.54 1.06
C LEU A 19 -6.01 -13.92 2.36
N GLU A 20 -5.40 -15.12 2.41
CA GLU A 20 -4.58 -15.53 3.56
C GLU A 20 -3.30 -14.67 3.73
N GLN A 21 -2.67 -14.28 2.62
CA GLN A 21 -1.51 -13.42 2.69
C GLN A 21 -1.88 -12.04 3.25
N VAL A 22 -3.06 -11.48 2.85
CA VAL A 22 -3.45 -10.15 3.28
C VAL A 22 -3.88 -10.17 4.79
N ASN A 23 -4.61 -11.19 5.18
CA ASN A 23 -5.04 -11.28 6.56
C ASN A 23 -3.77 -11.52 7.45
N ALA A 24 -2.80 -12.35 7.02
CA ALA A 24 -1.53 -12.47 7.81
C ALA A 24 -0.80 -11.17 7.92
N ALA A 25 -0.76 -10.51 6.80
CA ALA A 25 -0.01 -9.24 6.77
C ALA A 25 -0.68 -8.13 7.70
N LEU A 26 -2.02 -8.15 7.82
CA LEU A 26 -2.62 -7.19 8.72
C LEU A 26 -2.37 -7.57 10.20
N LYS A 27 -2.26 -8.83 10.52
CA LYS A 27 -1.87 -9.23 11.84
C LYS A 27 -0.39 -8.70 12.05
N ALA A 28 0.50 -8.96 11.09
CA ALA A 28 1.89 -8.49 11.21
C ALA A 28 2.05 -6.98 11.33
N LEU A 29 1.26 -6.22 10.52
CA LEU A 29 1.31 -4.81 10.59
C LEU A 29 0.93 -4.28 11.97
N GLY A 30 -0.12 -4.83 12.55
CA GLY A 30 -0.47 -4.61 13.96
C GLY A 30 0.70 -4.80 14.93
N ASP A 31 1.47 -5.86 14.76
CA ASP A 31 2.67 -6.10 15.60
C ASP A 31 3.91 -5.22 15.36
N ILE A 32 3.86 -4.33 14.40
CA ILE A 32 4.90 -3.32 14.31
C ILE A 32 4.94 -2.42 15.51
N PRO A 33 6.15 -2.22 16.06
CA PRO A 33 6.25 -1.45 17.26
C PRO A 33 5.92 0.00 17.06
N GLU A 34 5.52 0.69 18.11
CA GLU A 34 5.26 2.11 18.12
C GLU A 34 4.21 2.49 17.04
N SER A 35 3.31 1.57 16.77
CA SER A 35 2.46 1.76 15.62
C SER A 35 1.13 0.95 15.88
N HIS A 36 0.01 1.49 15.32
CA HIS A 36 -1.35 0.98 15.56
C HIS A 36 -2.05 1.09 14.21
N ILE A 37 -2.75 0.03 13.76
CA ILE A 37 -3.73 0.20 12.69
C ILE A 37 -4.92 1.04 13.07
N LEU A 38 -5.24 2.02 12.31
CA LEU A 38 -6.46 2.79 12.52
C LEU A 38 -7.63 2.36 11.65
N THR A 39 -7.36 1.99 10.36
CA THR A 39 -8.43 1.61 9.48
C THR A 39 -7.95 0.66 8.45
N VAL A 40 -8.78 -0.31 8.05
CA VAL A 40 -8.45 -1.17 6.92
C VAL A 40 -9.50 -1.04 5.87
N SER A 41 -9.13 -0.94 4.61
CA SER A 41 -10.15 -0.78 3.52
C SER A 41 -10.77 -2.13 3.19
N SER A 42 -11.73 -2.10 2.33
CA SER A 42 -12.23 -3.31 1.75
C SER A 42 -11.10 -3.97 0.92
N PHE A 43 -11.27 -5.23 0.64
CA PHE A 43 -10.33 -5.94 -0.26
C PHE A 43 -10.90 -5.89 -1.69
N TYR A 44 -10.06 -5.58 -2.66
CA TYR A 44 -10.45 -5.48 -4.05
C TYR A 44 -9.71 -6.48 -4.93
N ARG A 45 -10.40 -7.03 -5.92
CA ARG A 45 -9.82 -7.94 -6.89
C ARG A 45 -9.60 -7.13 -8.16
N THR A 46 -8.35 -6.94 -8.53
CA THR A 46 -7.95 -6.08 -9.57
C THR A 46 -7.12 -6.73 -10.65
N PRO A 47 -7.41 -6.40 -11.89
CA PRO A 47 -6.62 -7.00 -12.99
C PRO A 47 -5.20 -6.45 -13.07
N PRO A 48 -4.21 -7.29 -13.36
CA PRO A 48 -2.84 -6.85 -13.19
C PRO A 48 -2.47 -5.73 -14.17
N LEU A 49 -1.76 -4.67 -13.71
CA LEU A 49 -1.26 -3.67 -14.56
C LEU A 49 0.19 -3.93 -14.72
N GLY A 50 0.71 -3.54 -15.89
CA GLY A 50 2.09 -3.90 -16.22
C GLY A 50 2.07 -5.23 -16.96
N PRO A 51 2.95 -6.18 -16.62
CA PRO A 51 2.74 -7.44 -17.24
C PRO A 51 1.34 -8.00 -16.82
N GLN A 52 0.67 -8.69 -17.76
CA GLN A 52 -0.68 -9.14 -17.53
C GLN A 52 -0.77 -10.63 -17.46
N ASP A 53 0.35 -11.33 -17.63
CA ASP A 53 0.29 -12.80 -17.62
C ASP A 53 0.58 -13.27 -16.19
N GLN A 54 -0.36 -12.88 -15.30
CA GLN A 54 -0.25 -13.22 -13.86
C GLN A 54 -1.66 -13.14 -13.31
N PRO A 55 -1.91 -13.75 -12.14
CA PRO A 55 -3.23 -13.75 -11.49
C PRO A 55 -3.63 -12.34 -11.14
N ASP A 56 -4.93 -12.15 -10.97
CA ASP A 56 -5.46 -10.90 -10.43
C ASP A 56 -4.93 -10.67 -8.99
N TYR A 57 -4.82 -9.42 -8.62
CA TYR A 57 -4.38 -8.95 -7.34
C TYR A 57 -5.55 -8.83 -6.38
N LEU A 58 -5.28 -9.03 -5.14
CA LEU A 58 -6.04 -8.47 -3.98
C LEU A 58 -5.32 -7.20 -3.61
N ASN A 59 -5.99 -6.07 -3.69
CA ASN A 59 -5.41 -4.80 -3.30
C ASN A 59 -6.21 -4.20 -2.10
N ALA A 60 -5.52 -3.56 -1.18
CA ALA A 60 -6.20 -2.92 -0.07
C ALA A 60 -5.27 -1.80 0.36
N ALA A 61 -5.72 -1.04 1.33
CA ALA A 61 -4.91 -0.01 1.99
C ALA A 61 -5.23 -0.04 3.47
N VAL A 62 -4.25 0.43 4.23
N VAL A 62 -4.25 0.43 4.23
CA VAL A 62 -4.32 0.52 5.64
CA VAL A 62 -4.37 0.57 5.64
C VAL A 62 -3.76 1.84 6.11
C VAL A 62 -3.79 1.88 6.08
N ALA A 63 -4.47 2.48 7.09
CA ALA A 63 -3.97 3.64 7.77
C ALA A 63 -3.24 3.11 9.02
N LEU A 64 -1.99 3.49 9.15
CA LEU A 64 -1.21 3.04 10.33
C LEU A 64 -0.65 4.23 11.04
N GLU A 65 -1.03 4.44 12.30
CA GLU A 65 -0.51 5.54 13.09
C GLU A 65 0.81 5.06 13.69
N THR A 66 1.89 5.85 13.58
CA THR A 66 3.20 5.41 14.07
C THR A 66 4.03 6.57 14.61
N SER A 67 4.93 6.29 15.53
N SER A 67 4.89 6.25 15.57
CA SER A 67 5.96 7.24 15.86
CA SER A 67 5.95 7.13 15.98
C SER A 67 7.34 6.69 15.42
C SER A 67 7.30 6.72 15.39
N LEU A 68 7.35 5.64 14.60
CA LEU A 68 8.56 5.21 13.94
C LEU A 68 9.07 6.24 12.96
N ALA A 69 10.38 6.20 12.67
CA ALA A 69 10.87 6.96 11.59
C ALA A 69 10.46 6.31 10.31
N PRO A 70 10.35 7.04 9.23
CA PRO A 70 9.85 6.39 7.98
C PRO A 70 10.72 5.19 7.49
N GLU A 71 12.03 5.27 7.58
CA GLU A 71 12.80 4.11 7.14
C GLU A 71 12.74 2.95 8.11
N GLU A 72 12.38 3.23 9.37
N GLU A 72 12.47 3.19 9.39
CA GLU A 72 12.17 2.18 10.36
CA GLU A 72 12.14 2.13 10.35
C GLU A 72 10.87 1.46 10.00
C GLU A 72 10.83 1.44 10.02
N LEU A 73 9.88 2.22 9.54
CA LEU A 73 8.65 1.56 9.10
C LEU A 73 8.97 0.70 7.89
N LEU A 74 9.66 1.31 6.87
CA LEU A 74 10.10 0.49 5.76
C LEU A 74 10.88 -0.82 6.23
N ASN A 75 11.75 -0.75 7.27
CA ASN A 75 12.42 -2.03 7.68
C ASN A 75 11.43 -3.02 8.12
N HIS A 76 10.33 -2.62 8.79
CA HIS A 76 9.30 -3.55 9.21
C HIS A 76 8.53 -4.13 7.99
N THR A 77 8.00 -3.26 7.13
CA THR A 77 7.25 -3.74 5.98
C THR A 77 8.12 -4.69 5.14
N GLN A 78 9.40 -4.41 4.90
CA GLN A 78 10.21 -5.25 4.06
C GLN A 78 10.40 -6.61 4.82
N ARG A 79 10.59 -6.57 6.13
CA ARG A 79 10.69 -7.80 6.90
C ARG A 79 9.43 -8.66 6.75
N ILE A 80 8.25 -8.04 6.84
CA ILE A 80 6.94 -8.77 6.73
C ILE A 80 6.86 -9.43 5.40
N GLU A 81 7.21 -8.66 4.35
CA GLU A 81 7.24 -9.20 2.98
C GLU A 81 8.13 -10.45 2.81
N LEU A 82 9.36 -10.36 3.32
CA LEU A 82 10.35 -11.45 3.30
C LEU A 82 9.90 -12.64 4.12
N GLN A 83 9.30 -12.40 5.31
CA GLN A 83 8.72 -13.43 6.08
C GLN A 83 7.53 -14.15 5.46
N GLN A 84 6.85 -13.48 4.53
CA GLN A 84 5.74 -14.09 3.82
C GLN A 84 6.09 -14.48 2.40
N GLY A 85 7.37 -14.77 2.17
CA GLY A 85 7.75 -15.59 1.07
C GLY A 85 7.95 -14.71 -0.14
N ARG A 86 8.21 -13.46 0.08
CA ARG A 86 8.50 -12.69 -1.05
C ARG A 86 9.97 -12.94 -1.50
N VAL A 87 10.08 -13.36 -2.75
CA VAL A 87 11.34 -13.57 -3.42
C VAL A 87 11.49 -12.70 -4.69
N ARG A 88 12.66 -12.18 -4.79
CA ARG A 88 12.93 -11.37 -5.87
C ARG A 88 13.32 -12.19 -7.10
N LYS A 89 12.46 -12.19 -8.11
CA LYS A 89 12.85 -12.75 -9.44
C LYS A 89 13.41 -11.68 -10.37
N ALA A 90 14.02 -12.08 -11.45
CA ALA A 90 14.54 -11.09 -12.33
C ALA A 90 13.43 -10.26 -13.08
N GLU A 91 12.28 -10.85 -13.39
CA GLU A 91 11.22 -10.16 -14.14
C GLU A 91 10.82 -8.87 -13.45
N ARG A 92 10.67 -7.85 -14.23
CA ARG A 92 10.21 -6.59 -13.65
C ARG A 92 8.72 -6.70 -13.32
N TRP A 93 8.27 -6.28 -12.12
CA TRP A 93 6.79 -6.27 -11.84
C TRP A 93 6.05 -7.63 -11.97
N GLY A 94 6.78 -8.65 -11.61
CA GLY A 94 6.22 -9.96 -11.66
C GLY A 94 5.30 -10.21 -10.40
N PRO A 95 4.75 -11.40 -10.26
CA PRO A 95 3.81 -11.72 -9.20
C PRO A 95 4.50 -11.82 -7.88
N ARG A 96 3.71 -11.62 -6.81
CA ARG A 96 4.24 -11.76 -5.50
C ARG A 96 3.19 -12.12 -4.48
N THR A 97 3.68 -12.78 -3.50
CA THR A 97 2.88 -13.11 -2.33
C THR A 97 2.47 -11.95 -1.52
N LEU A 98 3.37 -10.97 -1.36
CA LEU A 98 2.95 -9.73 -0.69
C LEU A 98 3.77 -8.58 -1.11
N ASP A 99 3.07 -7.46 -1.26
CA ASP A 99 3.70 -6.19 -1.51
C ASP A 99 3.11 -5.14 -0.61
N LEU A 100 3.99 -4.45 0.16
CA LEU A 100 3.58 -3.40 1.05
C LEU A 100 4.33 -2.12 0.63
N ASP A 101 3.59 -1.26 0.05
CA ASP A 101 4.13 -0.02 -0.47
C ASP A 101 3.75 1.07 0.43
N ILE A 102 4.73 1.87 0.91
CA ILE A 102 4.46 3.02 1.72
C ILE A 102 3.96 4.13 0.77
N MET A 103 2.64 4.41 0.77
CA MET A 103 2.05 5.52 -0.06
C MET A 103 2.43 6.86 0.45
N LEU A 104 2.13 7.07 1.71
CA LEU A 104 2.22 8.31 2.36
C LEU A 104 2.72 8.12 3.77
N PHE A 105 3.44 9.14 4.29
CA PHE A 105 3.97 9.13 5.69
C PHE A 105 3.68 10.54 6.17
N GLY A 106 2.45 10.71 6.72
CA GLY A 106 1.96 12.03 6.99
C GLY A 106 2.04 12.98 5.80
N ASN A 107 2.40 14.24 6.09
CA ASN A 107 2.66 15.20 5.04
C ASN A 107 4.14 15.18 4.58
N GLU A 108 4.93 14.17 4.93
CA GLU A 108 6.30 14.21 4.57
C GLU A 108 6.57 13.87 3.10
N VAL A 109 7.59 14.52 2.60
CA VAL A 109 8.25 14.21 1.34
C VAL A 109 9.62 13.60 1.68
N ILE A 110 9.91 12.41 1.21
CA ILE A 110 11.08 11.65 1.72
C ILE A 110 11.69 11.19 0.41
N ASN A 111 12.97 11.46 0.29
N ASN A 111 12.96 11.50 0.33
CA ASN A 111 13.72 10.93 -0.81
CA ASN A 111 13.73 10.91 -0.70
C ASN A 111 15.03 10.52 -0.19
C ASN A 111 15.04 10.54 -0.13
N THR A 112 15.23 9.27 0.19
CA THR A 112 16.51 8.69 0.65
C THR A 112 16.92 7.58 -0.31
N GLU A 113 18.03 6.85 -0.04
CA GLU A 113 18.53 5.74 -0.88
C GLU A 113 17.43 4.62 -0.98
N ARG A 114 16.80 4.30 0.13
CA ARG A 114 15.80 3.24 0.11
C ARG A 114 14.27 3.61 0.03
N LEU A 115 13.93 4.85 0.16
CA LEU A 115 12.54 5.28 0.36
C LEU A 115 12.22 6.56 -0.33
N THR A 116 11.21 6.49 -1.15
CA THR A 116 10.64 7.62 -1.88
C THR A 116 9.15 7.72 -1.56
N VAL A 117 8.79 8.76 -0.88
CA VAL A 117 7.42 9.02 -0.45
C VAL A 117 7.03 10.45 -0.81
N PRO A 118 5.85 10.75 -1.30
CA PRO A 118 4.81 9.85 -1.74
C PRO A 118 5.31 8.78 -2.67
N HIS A 119 4.55 7.67 -2.74
CA HIS A 119 4.83 6.65 -3.70
C HIS A 119 4.77 7.34 -5.08
N TYR A 120 5.87 7.16 -5.82
CA TYR A 120 6.10 7.82 -7.11
C TYR A 120 5.00 7.79 -8.17
N ASP A 121 4.19 6.74 -8.15
CA ASP A 121 3.16 6.63 -9.16
C ASP A 121 1.77 6.42 -8.56
N MET A 122 1.61 6.62 -7.25
CA MET A 122 0.27 6.36 -6.76
C MET A 122 -0.87 7.23 -7.31
N LYS A 123 -0.60 8.49 -7.71
CA LYS A 123 -1.71 9.27 -8.21
C LYS A 123 -2.22 8.86 -9.57
N ASN A 124 -1.56 7.83 -10.14
CA ASN A 124 -1.94 7.28 -11.42
C ASN A 124 -2.55 5.89 -11.34
N ARG A 125 -2.70 5.37 -10.14
CA ARG A 125 -3.15 4.00 -9.93
C ARG A 125 -4.48 3.87 -9.18
N GLY A 126 -5.53 3.45 -9.86
CA GLY A 126 -6.77 3.35 -9.14
C GLY A 126 -6.75 2.30 -8.02
N PHE A 127 -5.95 1.23 -8.16
CA PHE A 127 -5.92 0.23 -7.18
C PHE A 127 -5.26 0.67 -5.97
N MET A 128 -4.56 1.84 -5.96
CA MET A 128 -4.11 2.51 -4.74
C MET A 128 -5.05 3.61 -4.24
N LEU A 129 -5.48 4.45 -5.17
CA LEU A 129 -6.36 5.55 -4.80
C LEU A 129 -7.78 5.20 -4.32
N TRP A 130 -8.43 4.22 -4.87
CA TRP A 130 -9.80 3.89 -4.43
C TRP A 130 -9.83 3.31 -3.01
N PRO A 131 -8.93 2.39 -2.64
CA PRO A 131 -8.92 1.88 -1.32
C PRO A 131 -8.53 3.03 -0.36
N LEU A 132 -7.62 3.87 -0.79
CA LEU A 132 -7.17 4.98 0.03
C LEU A 132 -8.39 5.94 0.37
N PHE A 133 -9.17 6.23 -0.67
CA PHE A 133 -10.29 7.12 -0.49
C PHE A 133 -11.33 6.47 0.40
N GLU A 134 -11.47 5.16 0.35
CA GLU A 134 -12.46 4.51 1.21
C GLU A 134 -12.09 4.72 2.72
N ILE A 135 -10.79 4.73 3.06
CA ILE A 135 -10.36 4.95 4.46
C ILE A 135 -9.99 6.37 4.84
N ALA A 136 -9.78 7.22 3.88
CA ALA A 136 -9.30 8.60 4.02
C ALA A 136 -9.89 9.58 3.04
N PRO A 137 -11.26 9.66 3.00
CA PRO A 137 -11.88 10.54 1.92
C PRO A 137 -11.45 11.95 1.94
N GLU A 138 -11.06 12.44 3.09
CA GLU A 138 -10.63 13.82 3.19
C GLU A 138 -9.15 14.15 2.95
N LEU A 139 -8.39 13.15 2.52
CA LEU A 139 -6.96 13.21 2.41
C LEU A 139 -6.53 14.30 1.43
N VAL A 140 -5.51 15.02 1.87
CA VAL A 140 -4.78 16.02 1.08
C VAL A 140 -3.32 15.51 1.08
N PHE A 141 -2.71 15.52 -0.06
CA PHE A 141 -1.35 15.12 -0.33
C PHE A 141 -0.39 16.27 0.12
N PRO A 142 0.95 16.02 0.19
CA PRO A 142 1.91 16.96 0.68
C PRO A 142 1.96 18.16 -0.26
N ASP A 143 1.63 18.01 -1.55
CA ASP A 143 1.60 19.13 -2.52
C ASP A 143 0.26 19.90 -2.51
N GLY A 144 -0.65 19.58 -1.59
CA GLY A 144 -1.93 20.23 -1.53
C GLY A 144 -2.99 19.68 -2.45
N GLU A 145 -2.67 18.71 -3.28
CA GLU A 145 -3.67 18.05 -4.05
C GLU A 145 -4.61 17.25 -3.23
N MET A 146 -5.93 17.38 -3.54
CA MET A 146 -6.96 16.64 -2.81
C MET A 146 -7.28 15.31 -3.42
N LEU A 147 -7.20 14.22 -2.61
CA LEU A 147 -7.53 12.90 -3.16
C LEU A 147 -8.95 12.89 -3.85
N ARG A 148 -9.96 13.54 -3.21
CA ARG A 148 -11.29 13.59 -3.84
C ARG A 148 -11.28 14.23 -5.21
N GLN A 149 -10.40 15.23 -5.39
CA GLN A 149 -10.41 16.00 -6.63
C GLN A 149 -9.80 15.14 -7.80
N ILE A 150 -8.73 14.42 -7.45
CA ILE A 150 -8.05 13.50 -8.37
C ILE A 150 -9.09 12.47 -8.83
N LEU A 151 -9.77 11.81 -7.92
CA LEU A 151 -10.74 10.83 -8.35
C LEU A 151 -12.01 11.40 -9.07
N HIS A 152 -12.37 12.61 -8.77
CA HIS A 152 -13.51 13.19 -9.53
C HIS A 152 -13.09 13.48 -10.99
N THR A 153 -11.91 14.05 -11.19
CA THR A 153 -11.46 14.64 -12.45
C THR A 153 -10.81 13.64 -13.37
N ARG A 154 -10.15 12.63 -12.86
CA ARG A 154 -9.43 11.69 -13.72
C ARG A 154 -10.13 10.37 -14.00
N ALA A 155 -9.93 9.80 -15.20
CA ALA A 155 -10.64 8.57 -15.54
C ALA A 155 -9.88 7.44 -14.81
N PHE A 156 -10.57 6.75 -13.95
CA PHE A 156 -9.99 5.59 -13.32
C PHE A 156 -11.08 4.59 -13.37
N ASP A 157 -10.75 3.41 -13.89
CA ASP A 157 -11.72 2.27 -13.87
C ASP A 157 -12.26 2.00 -12.44
N LYS A 158 -13.46 1.53 -12.41
CA LYS A 158 -14.09 1.13 -11.20
C LYS A 158 -13.47 -0.19 -10.67
N LEU A 159 -13.24 -0.30 -9.40
CA LEU A 159 -12.73 -1.54 -8.73
C LEU A 159 -13.90 -2.42 -8.17
N ASN A 160 -13.68 -3.70 -8.31
CA ASN A 160 -14.55 -4.66 -7.83
C ASN A 160 -13.96 -5.24 -6.53
N LYS A 161 -14.85 -5.54 -5.59
CA LYS A 161 -14.53 -6.19 -4.32
C LYS A 161 -14.14 -7.64 -4.45
N TRP A 162 -13.25 -8.14 -3.56
CA TRP A 162 -12.62 -9.45 -3.72
C TRP A 162 -13.69 -10.47 -3.53
#